data_7WQH
#
_entry.id   7WQH
#
_cell.length_a   63.094
_cell.length_b   82.794
_cell.length_c   64.423
_cell.angle_alpha   90.000
_cell.angle_beta   109.001
_cell.angle_gamma   90.000
#
_symmetry.space_group_name_H-M   'P 1 21 1'
#
loop_
_entity.id
_entity.type
_entity.pdbx_description
1 polymer '3C-like proteinase'
2 non-polymer '[(3~{S})-3-[[(2~{S})-2-[(4-methoxy-1~{H}-indol-2-yl)carbonylamino]-4-methyl-pentanoyl]amino]-2-oxidanylidene-4-[(3~{R})-2-oxidanylidene-3,4-dihydropyrrol-3-yl]butyl] dihydrogen phosphate'
3 water water
#
_entity_poly.entity_id   1
_entity_poly.type   'polypeptide(L)'
_entity_poly.pdbx_seq_one_letter_code
;GLKKMAQPSGCVERCVVRVCYGSTVLNGVWLGDTVTCPRHVIAPSTTVLIDYDHAYSTMRLHNFSVSHNGVFLGVVGVTM
HGSVLRIKVSQSNVHTPKHVFKTLKPGDSFNILACYEGIASGVFGVNLRTNFTIKGSFINGACGSPGYNVRNDGTVEFCY
LHQIELGSGAHVGSDFTGSVYGNFDDQPSLQVESANLMLSDNVVAFLYAALLNGCRWWLCSTRVNVDGFNEWAMANGYTS
VSSVECYSILAAKTGVSVEQLLASIQHLHEGFGGKNILGYSSLCDEFTLAEVVKQMYGV
;
_entity_poly.pdbx_strand_id   A,B
#
loop_
_chem_comp.id
_chem_comp.type
_chem_comp.name
_chem_comp.formula
80I non-polymer '[(3~{S})-3-[[(2~{S})-2-[(4-methoxy-1~{H}-indol-2-yl)carbonylamino]-4-methyl-pentanoyl]amino]-2-oxidanylidene-4-[(3~{R})-2-oxidanylidene-3,4-dihydropyrrol-3-yl]butyl] dihydrogen phosphate' 'C24 H33 N4 O9 P'
#
# COMPACT_ATOMS: atom_id res chain seq x y z
N GLY A 1 15.22 -4.45 0.50
CA GLY A 1 13.83 -4.70 0.83
C GLY A 1 12.90 -3.73 0.12
N LEU A 2 12.10 -4.25 -0.81
CA LEU A 2 11.22 -3.46 -1.66
C LEU A 2 9.77 -3.69 -1.25
N LYS A 3 9.13 -2.65 -0.74
CA LYS A 3 7.73 -2.75 -0.32
C LYS A 3 6.92 -1.78 -1.16
N LYS A 4 5.90 -2.30 -1.85
CA LYS A 4 5.04 -1.45 -2.65
C LYS A 4 4.22 -0.56 -1.72
N MET A 5 4.41 0.75 -1.84
CA MET A 5 3.80 1.71 -0.93
C MET A 5 3.02 2.75 -1.74
N ALA A 6 2.10 3.41 -1.04
CA ALA A 6 1.39 4.59 -1.53
C ALA A 6 1.93 5.87 -0.89
N GLN A 7 1.82 6.98 -1.61
CA GLN A 7 2.15 8.24 -0.98
C GLN A 7 1.03 8.60 0.00
N PRO A 8 1.32 9.41 1.01
CA PRO A 8 0.26 9.77 1.96
C PRO A 8 -0.97 10.32 1.25
N SER A 9 -2.14 10.00 1.79
CA SER A 9 -3.42 10.24 1.15
C SER A 9 -4.20 11.38 1.76
N GLY A 10 -3.69 12.01 2.82
CA GLY A 10 -4.51 12.93 3.59
C GLY A 10 -5.02 14.11 2.77
N CYS A 11 -4.13 14.73 1.98
CA CYS A 11 -4.53 15.89 1.21
C CYS A 11 -5.57 15.54 0.16
N VAL A 12 -5.56 14.29 -0.33
CA VAL A 12 -6.57 13.89 -1.30
C VAL A 12 -7.90 13.54 -0.62
N GLU A 13 -7.86 13.03 0.62
CA GLU A 13 -9.07 12.64 1.36
C GLU A 13 -10.05 13.80 1.51
N ARG A 14 -9.55 15.02 1.62
CA ARG A 14 -10.42 16.18 1.79
C ARG A 14 -11.09 16.63 0.49
N CYS A 15 -10.77 16.01 -0.63
CA CYS A 15 -11.37 16.37 -1.91
C CYS A 15 -12.36 15.33 -2.41
N VAL A 16 -12.65 14.29 -1.65
CA VAL A 16 -13.52 13.22 -2.13
C VAL A 16 -14.94 13.53 -1.69
N VAL A 17 -15.90 13.37 -2.60
CA VAL A 17 -17.29 13.65 -2.30
C VAL A 17 -18.15 12.50 -2.83
N ARG A 18 -19.35 12.43 -2.30
CA ARG A 18 -20.39 11.55 -2.80
C ARG A 18 -21.19 12.30 -3.86
N VAL A 19 -21.34 11.72 -5.04
CA VAL A 19 -22.07 12.34 -6.14
C VAL A 19 -23.24 11.42 -6.51
N CYS A 20 -24.46 11.91 -6.36
CA CYS A 20 -25.64 11.12 -6.62
C CYS A 20 -26.52 11.80 -7.65
N TYR A 21 -27.12 11.00 -8.53
CA TYR A 21 -28.08 11.48 -9.53
C TYR A 21 -29.26 10.53 -9.53
N GLY A 22 -30.42 10.99 -9.07
CA GLY A 22 -31.51 10.05 -8.88
C GLY A 22 -31.07 9.02 -7.86
N SER A 23 -31.13 7.74 -8.22
CA SER A 23 -30.70 6.70 -7.29
C SER A 23 -29.26 6.26 -7.48
N THR A 24 -28.60 6.66 -8.56
CA THR A 24 -27.26 6.14 -8.81
C THR A 24 -26.22 7.02 -8.12
N VAL A 25 -25.17 6.38 -7.62
CA VAL A 25 -24.18 6.99 -6.75
C VAL A 25 -22.78 6.62 -7.27
N LEU A 26 -21.87 7.59 -7.21
CA LEU A 26 -20.45 7.29 -7.30
C LEU A 26 -19.70 8.39 -6.53
N ASN A 27 -18.41 8.46 -6.76
CA ASN A 27 -17.53 9.38 -6.05
C ASN A 27 -17.06 10.45 -7.00
N GLY A 28 -16.60 11.56 -6.43
CA GLY A 28 -15.85 12.54 -7.20
C GLY A 28 -14.85 13.31 -6.37
N VAL A 29 -14.18 14.24 -7.06
CA VAL A 29 -13.09 15.05 -6.51
C VAL A 29 -13.52 16.51 -6.55
N TRP A 30 -13.51 17.16 -5.38
CA TRP A 30 -13.93 18.54 -5.20
C TRP A 30 -12.71 19.45 -5.05
N LEU A 31 -12.44 20.29 -6.05
CA LEU A 31 -11.36 21.27 -6.01
C LEU A 31 -11.90 22.65 -6.37
N GLY A 32 -11.54 23.66 -5.58
CA GLY A 32 -12.18 24.95 -5.72
C GLY A 32 -13.69 24.84 -5.66
N ASP A 33 -14.39 25.23 -6.73
CA ASP A 33 -15.85 25.12 -6.75
C ASP A 33 -16.34 24.11 -7.80
N THR A 34 -15.47 23.21 -8.22
CA THR A 34 -15.77 22.17 -9.20
C THR A 34 -15.68 20.79 -8.56
N VAL A 35 -16.61 19.91 -8.91
CA VAL A 35 -16.54 18.48 -8.63
C VAL A 35 -16.48 17.77 -9.97
N THR A 36 -15.43 16.96 -10.18
CA THR A 36 -15.33 16.12 -11.37
C THR A 36 -15.75 14.70 -11.00
N CYS A 37 -16.47 14.04 -11.90
CA CYS A 37 -16.96 12.69 -11.62
C CYS A 37 -17.30 12.02 -12.93
N PRO A 38 -17.33 10.69 -12.97
CA PRO A 38 -17.70 9.98 -14.21
C PRO A 38 -19.14 10.30 -14.63
N ARG A 39 -19.34 10.39 -15.96
CA ARG A 39 -20.65 10.75 -16.48
C ARG A 39 -21.64 9.61 -16.35
N HIS A 40 -21.16 8.42 -15.99
CA HIS A 40 -22.07 7.29 -15.82
C HIS A 40 -23.17 7.59 -14.80
N VAL A 41 -22.91 8.50 -13.86
CA VAL A 41 -23.88 8.78 -12.81
C VAL A 41 -25.19 9.35 -13.35
N ILE A 42 -25.19 9.96 -14.55
CA ILE A 42 -26.43 10.42 -15.15
C ILE A 42 -26.97 9.43 -16.19
N ALA A 43 -26.42 8.23 -16.24
CA ALA A 43 -26.95 7.22 -17.13
C ALA A 43 -28.30 6.71 -16.61
N PRO A 44 -29.18 6.27 -17.51
CA PRO A 44 -30.41 5.58 -17.08
C PRO A 44 -30.19 4.08 -16.96
N SER A 45 -31.00 3.46 -16.10
CA SER A 45 -30.92 2.04 -15.81
C SER A 45 -31.43 1.25 -17.00
N THR A 46 -30.56 0.94 -17.96
CA THR A 46 -30.95 0.29 -19.21
C THR A 46 -29.74 -0.43 -19.79
N THR A 47 -29.86 -1.75 -19.96
CA THR A 47 -28.72 -2.64 -20.24
C THR A 47 -28.13 -2.46 -21.63
N VAL A 48 -28.60 -1.48 -22.37
CA VAL A 48 -28.12 -1.22 -23.72
C VAL A 48 -27.15 -0.03 -23.69
N LEU A 49 -26.49 0.21 -24.83
CA LEU A 49 -25.53 1.30 -24.97
C LEU A 49 -26.16 2.65 -24.64
N ILE A 50 -25.59 3.32 -23.63
CA ILE A 50 -26.14 4.59 -23.18
C ILE A 50 -25.89 5.68 -24.22
N ASP A 51 -26.91 6.52 -24.44
CA ASP A 51 -26.83 7.68 -25.33
C ASP A 51 -26.44 8.90 -24.48
N TYR A 52 -25.15 9.10 -24.27
CA TYR A 52 -24.76 10.10 -23.29
C TYR A 52 -25.16 11.51 -23.73
N ASP A 53 -25.16 11.79 -25.04
CA ASP A 53 -25.61 13.10 -25.49
C ASP A 53 -27.09 13.33 -25.20
N HIS A 54 -27.92 12.30 -25.25
CA HIS A 54 -29.33 12.50 -24.89
C HIS A 54 -29.53 12.62 -23.38
N ALA A 55 -28.88 11.75 -22.60
CA ALA A 55 -29.05 11.81 -21.15
C ALA A 55 -28.52 13.12 -20.58
N TYR A 56 -27.51 13.72 -21.23
CA TYR A 56 -27.05 15.05 -20.83
C TYR A 56 -28.12 16.10 -21.08
N SER A 57 -28.84 15.99 -22.21
CA SER A 57 -29.85 16.98 -22.56
C SER A 57 -31.07 16.90 -21.66
N THR A 58 -31.46 15.70 -21.22
CA THR A 58 -32.56 15.55 -20.29
C THR A 58 -32.15 15.73 -18.84
N MET A 59 -30.89 16.05 -18.59
CA MET A 59 -30.41 16.19 -17.23
C MET A 59 -31.09 17.37 -16.55
N ARG A 60 -31.34 17.22 -15.24
CA ARG A 60 -31.96 18.24 -14.41
C ARG A 60 -31.14 18.41 -13.14
N LEU A 61 -30.69 19.64 -12.86
CA LEU A 61 -29.79 19.90 -11.74
C LEU A 61 -30.34 19.36 -10.42
N HIS A 62 -31.61 19.66 -10.11
CA HIS A 62 -32.17 19.28 -8.83
C HIS A 62 -32.12 17.78 -8.55
N ASN A 63 -31.86 16.95 -9.58
CA ASN A 63 -31.67 15.51 -9.37
C ASN A 63 -30.29 15.16 -8.81
N PHE A 64 -29.35 16.10 -8.83
CA PHE A 64 -28.01 15.89 -8.30
C PHE A 64 -28.01 16.04 -6.79
N SER A 65 -27.21 15.22 -6.13
CA SER A 65 -26.91 15.34 -4.71
C SER A 65 -25.41 15.16 -4.54
N VAL A 66 -24.74 16.16 -3.96
CA VAL A 66 -23.31 16.17 -3.79
C VAL A 66 -23.00 16.54 -2.34
N SER A 67 -22.29 15.67 -1.63
CA SER A 67 -22.03 15.86 -0.20
C SER A 67 -20.56 15.57 0.13
N HIS A 68 -20.04 16.32 1.11
CA HIS A 68 -18.74 16.03 1.70
C HIS A 68 -18.94 15.69 3.17
N ASN A 69 -18.47 14.49 3.56
CA ASN A 69 -18.65 13.95 4.91
C ASN A 69 -20.09 14.07 5.41
N GLY A 70 -21.06 13.88 4.53
CA GLY A 70 -22.46 14.09 4.86
C GLY A 70 -22.95 15.52 4.69
N VAL A 71 -22.07 16.49 4.53
CA VAL A 71 -22.45 17.89 4.43
C VAL A 71 -22.72 18.22 2.96
N PHE A 72 -23.97 18.56 2.64
CA PHE A 72 -24.41 18.67 1.26
C PHE A 72 -24.04 20.01 0.65
N LEU A 73 -23.76 19.97 -0.65
CA LEU A 73 -23.32 21.10 -1.44
C LEU A 73 -24.35 21.38 -2.52
N GLY A 74 -24.54 22.65 -2.86
CA GLY A 74 -25.53 23.03 -3.85
C GLY A 74 -24.92 23.04 -5.24
N VAL A 75 -25.58 22.36 -6.17
CA VAL A 75 -25.11 22.33 -7.55
C VAL A 75 -25.63 23.56 -8.29
N VAL A 76 -24.76 24.18 -9.08
CA VAL A 76 -25.09 25.41 -9.79
C VAL A 76 -25.07 25.23 -11.30
N GLY A 77 -24.39 24.21 -11.82
CA GLY A 77 -24.25 24.02 -13.25
C GLY A 77 -23.40 22.79 -13.49
N VAL A 78 -23.57 22.22 -14.67
CA VAL A 78 -22.93 20.96 -15.02
C VAL A 78 -22.58 21.03 -16.50
N THR A 79 -21.37 20.57 -16.83
CA THR A 79 -20.90 20.43 -18.20
C THR A 79 -20.22 19.08 -18.38
N MET A 80 -20.37 18.49 -19.56
CA MET A 80 -19.84 17.17 -19.84
C MET A 80 -18.59 17.32 -20.70
N HIS A 81 -17.54 16.56 -20.35
CA HIS A 81 -16.24 16.64 -21.03
C HIS A 81 -15.74 15.21 -21.18
N GLY A 82 -15.96 14.64 -22.37
CA GLY A 82 -15.58 13.25 -22.55
C GLY A 82 -16.40 12.39 -21.62
N SER A 83 -15.72 11.58 -20.81
CA SER A 83 -16.43 10.63 -19.96
C SER A 83 -16.62 11.13 -18.53
N VAL A 84 -16.35 12.41 -18.26
CA VAL A 84 -16.54 12.96 -16.92
C VAL A 84 -17.47 14.16 -16.97
N LEU A 85 -18.12 14.44 -15.85
CA LEU A 85 -18.87 15.68 -15.64
C LEU A 85 -18.06 16.64 -14.79
N ARG A 86 -18.22 17.93 -15.04
CA ARG A 86 -17.73 18.98 -14.16
C ARG A 86 -18.95 19.62 -13.52
N ILE A 87 -19.05 19.51 -12.20
CA ILE A 87 -20.20 20.04 -11.47
C ILE A 87 -19.75 21.28 -10.70
N LYS A 88 -20.36 22.42 -11.00
CA LYS A 88 -20.11 23.64 -10.24
C LYS A 88 -20.99 23.67 -9.00
N VAL A 89 -20.40 23.97 -7.87
CA VAL A 89 -21.07 23.97 -6.59
C VAL A 89 -20.95 25.37 -6.02
N SER A 90 -21.82 25.67 -5.06
CA SER A 90 -22.01 27.05 -4.61
C SER A 90 -21.12 27.41 -3.42
N GLN A 91 -20.03 26.68 -3.19
CA GLN A 91 -18.99 27.07 -2.26
C GLN A 91 -17.71 26.36 -2.64
N SER A 92 -16.58 26.95 -2.26
CA SER A 92 -15.26 26.41 -2.56
C SER A 92 -14.74 25.50 -1.45
N ASN A 93 -14.03 24.46 -1.86
CA ASN A 93 -13.33 23.56 -0.93
C ASN A 93 -12.13 24.30 -0.33
N VAL A 94 -12.21 24.64 0.96
CA VAL A 94 -11.13 25.38 1.62
C VAL A 94 -9.86 24.54 1.74
N HIS A 95 -9.97 23.20 1.75
CA HIS A 95 -8.80 22.32 1.79
C HIS A 95 -8.32 21.90 0.40
N THR A 96 -8.49 22.74 -0.62
CA THR A 96 -7.99 22.43 -1.95
C THR A 96 -6.48 22.54 -1.96
N PRO A 97 -5.73 21.46 -2.19
CA PRO A 97 -4.27 21.56 -2.25
C PRO A 97 -3.81 22.13 -3.59
N LYS A 98 -2.60 22.69 -3.59
CA LYS A 98 -1.94 23.02 -4.83
C LYS A 98 -1.88 21.77 -5.69
N HIS A 99 -2.29 21.89 -6.95
CA HIS A 99 -2.46 20.70 -7.76
C HIS A 99 -2.34 21.06 -9.22
N VAL A 100 -2.13 20.04 -10.04
CA VAL A 100 -2.26 20.12 -11.49
C VAL A 100 -2.96 18.86 -11.97
N PHE A 101 -3.26 18.81 -13.27
CA PHE A 101 -3.85 17.63 -13.88
C PHE A 101 -2.88 17.08 -14.91
N LYS A 102 -2.46 15.82 -14.75
CA LYS A 102 -1.50 15.21 -15.66
C LYS A 102 -2.08 13.92 -16.21
N THR A 103 -1.81 13.65 -17.48
CA THR A 103 -2.19 12.37 -18.07
C THR A 103 -1.04 11.38 -17.89
N LEU A 104 -1.36 10.18 -17.45
CA LEU A 104 -0.29 9.19 -17.32
C LEU A 104 0.06 8.62 -18.68
N LYS A 105 1.23 8.06 -18.75
CA LYS A 105 1.87 7.30 -19.79
C LYS A 105 2.10 5.88 -19.29
N PRO A 106 2.10 4.89 -20.18
CA PRO A 106 2.47 3.54 -19.75
C PRO A 106 3.81 3.53 -19.02
N GLY A 107 3.89 2.71 -17.98
CA GLY A 107 5.06 2.69 -17.13
C GLY A 107 5.03 3.65 -15.96
N ASP A 108 4.10 4.60 -15.93
CA ASP A 108 4.08 5.54 -14.83
C ASP A 108 3.48 4.90 -13.59
N SER A 109 4.08 5.18 -12.44
CA SER A 109 3.55 4.78 -11.15
C SER A 109 2.68 5.91 -10.58
N PHE A 110 1.63 5.53 -9.86
CA PHE A 110 0.76 6.49 -9.19
C PHE A 110 0.00 5.78 -8.07
N ASN A 111 -0.89 6.51 -7.41
CA ASN A 111 -1.55 6.09 -6.18
C ASN A 111 -3.06 6.16 -6.35
N ILE A 112 -3.77 5.14 -5.88
CA ILE A 112 -5.23 5.08 -5.93
C ILE A 112 -5.75 5.28 -4.51
N LEU A 113 -6.74 6.15 -4.37
CA LEU A 113 -7.55 6.21 -3.16
C LEU A 113 -8.89 5.54 -3.49
N ALA A 114 -9.05 4.30 -3.04
CA ALA A 114 -10.28 3.55 -3.27
C ALA A 114 -11.39 4.11 -2.39
N CYS A 115 -12.48 4.55 -3.02
CA CYS A 115 -13.56 5.29 -2.35
C CYS A 115 -14.92 4.68 -2.64
N TYR A 116 -15.80 4.76 -1.64
CA TYR A 116 -17.16 4.24 -1.71
C TYR A 116 -18.09 5.20 -0.99
N GLU A 117 -19.09 5.73 -1.72
CA GLU A 117 -20.08 6.69 -1.20
C GLU A 117 -19.43 7.96 -0.68
N GLY A 118 -18.32 8.38 -1.28
CA GLY A 118 -17.62 9.58 -0.88
C GLY A 118 -16.66 9.42 0.28
N ILE A 119 -16.48 8.21 0.82
CA ILE A 119 -15.57 7.95 1.93
C ILE A 119 -14.43 7.08 1.44
N ALA A 120 -13.19 7.50 1.69
CA ALA A 120 -12.05 6.66 1.36
C ALA A 120 -11.98 5.45 2.28
N SER A 121 -11.68 4.28 1.70
CA SER A 121 -11.46 3.11 2.53
C SER A 121 -10.07 2.49 2.39
N GLY A 122 -9.33 2.79 1.32
CA GLY A 122 -8.07 2.14 1.06
C GLY A 122 -7.20 2.93 0.10
N VAL A 123 -5.86 2.77 0.24
CA VAL A 123 -4.92 3.49 -0.60
C VAL A 123 -3.76 2.58 -0.97
N PHE A 124 -3.36 2.61 -2.25
CA PHE A 124 -2.27 1.76 -2.71
C PHE A 124 -1.61 2.35 -3.96
N GLY A 125 -0.34 2.00 -4.15
CA GLY A 125 0.36 2.35 -5.37
C GLY A 125 0.07 1.36 -6.50
N VAL A 126 -0.02 1.91 -7.71
CA VAL A 126 -0.29 1.18 -8.96
C VAL A 126 0.68 1.66 -10.02
N ASN A 127 0.85 0.85 -11.05
CA ASN A 127 1.56 1.23 -12.26
C ASN A 127 0.59 1.14 -13.43
N LEU A 128 0.58 2.16 -14.27
CA LEU A 128 -0.18 2.08 -15.52
C LEU A 128 0.54 1.13 -16.47
N ARG A 129 -0.14 0.06 -16.87
CA ARG A 129 0.47 -0.93 -17.72
C ARG A 129 0.42 -0.48 -19.18
N THR A 130 1.10 -1.26 -20.04
CA THR A 130 1.19 -0.91 -21.46
C THR A 130 -0.14 -1.10 -22.18
N ASN A 131 -1.06 -1.84 -21.59
CA ASN A 131 -2.41 -1.96 -22.13
C ASN A 131 -3.36 -0.92 -21.53
N PHE A 132 -2.82 0.16 -20.97
CA PHE A 132 -3.58 1.26 -20.38
C PHE A 132 -4.54 0.79 -19.29
N THR A 133 -4.28 -0.35 -18.68
CA THR A 133 -5.02 -0.80 -17.51
C THR A 133 -4.11 -0.78 -16.28
N ILE A 134 -4.73 -0.99 -15.11
CA ILE A 134 -4.03 -1.15 -13.84
C ILE A 134 -4.58 -2.38 -13.15
N LYS A 135 -3.76 -2.99 -12.31
CA LYS A 135 -4.20 -4.11 -11.48
C LYS A 135 -4.55 -3.53 -10.12
N GLY A 136 -5.83 -3.36 -9.85
CA GLY A 136 -6.23 -2.81 -8.57
C GLY A 136 -7.21 -3.69 -7.85
N SER A 137 -7.90 -3.17 -6.84
CA SER A 137 -8.96 -3.90 -6.16
C SER A 137 -10.11 -2.93 -5.93
N PHE A 138 -11.23 -3.18 -6.62
CA PHE A 138 -12.41 -2.34 -6.64
C PHE A 138 -13.65 -3.22 -6.71
N ILE A 139 -14.70 -2.85 -5.98
CA ILE A 139 -16.00 -3.47 -6.20
C ILE A 139 -16.98 -2.39 -6.64
N ASN A 140 -18.28 -2.72 -6.67
CA ASN A 140 -19.26 -1.77 -7.16
C ASN A 140 -19.32 -0.56 -6.22
N GLY A 141 -19.54 0.62 -6.80
CA GLY A 141 -19.51 1.85 -6.05
C GLY A 141 -18.17 2.56 -6.04
N ALA A 142 -17.10 1.91 -6.47
CA ALA A 142 -15.77 2.49 -6.46
C ALA A 142 -15.54 3.52 -7.57
N CYS A 143 -16.42 3.56 -8.56
CA CYS A 143 -16.26 4.45 -9.70
C CYS A 143 -16.03 5.88 -9.24
N GLY A 144 -15.16 6.57 -9.96
CA GLY A 144 -14.78 7.89 -9.54
C GLY A 144 -13.70 7.93 -8.49
N SER A 145 -13.23 6.79 -7.96
CA SER A 145 -12.08 6.78 -7.07
C SER A 145 -10.92 7.49 -7.76
N PRO A 146 -10.24 8.41 -7.09
CA PRO A 146 -9.16 9.16 -7.75
C PRO A 146 -7.83 8.42 -7.74
N GLY A 147 -7.08 8.62 -8.81
CA GLY A 147 -5.64 8.37 -8.83
C GLY A 147 -4.84 9.64 -8.75
N TYR A 148 -3.71 9.60 -8.04
CA TYR A 148 -2.94 10.82 -7.76
C TYR A 148 -1.46 10.50 -7.61
N ASN A 149 -0.66 11.57 -7.64
CA ASN A 149 0.77 11.58 -7.32
C ASN A 149 1.09 12.86 -6.58
N VAL A 150 2.13 12.81 -5.77
CA VAL A 150 2.59 13.99 -5.05
C VAL A 150 4.00 14.28 -5.52
N ARG A 151 4.21 15.45 -6.10
CA ARG A 151 5.53 15.85 -6.53
C ARG A 151 6.36 16.29 -5.33
N ASN A 152 7.67 16.34 -5.54
CA ASN A 152 8.58 16.68 -4.45
C ASN A 152 8.29 18.05 -3.87
N ASP A 153 7.72 18.95 -4.67
CA ASP A 153 7.38 20.30 -4.19
C ASP A 153 6.08 20.36 -3.40
N GLY A 154 5.35 19.23 -3.27
CA GLY A 154 4.09 19.22 -2.58
C GLY A 154 2.86 19.37 -3.46
N THR A 155 3.04 19.46 -4.78
CA THR A 155 1.92 19.57 -5.70
C THR A 155 1.33 18.18 -5.97
N VAL A 156 0.04 18.03 -5.67
CA VAL A 156 -0.70 16.82 -6.02
C VAL A 156 -0.98 16.83 -7.52
N GLU A 157 -0.62 15.75 -8.20
CA GLU A 157 -1.01 15.57 -9.59
C GLU A 157 -2.24 14.65 -9.59
N PHE A 158 -3.39 15.19 -10.00
CA PHE A 158 -4.59 14.37 -10.19
C PHE A 158 -4.57 13.78 -11.59
N CYS A 159 -4.72 12.46 -11.70
CA CYS A 159 -4.50 11.82 -12.99
C CYS A 159 -5.46 10.68 -13.32
N TYR A 160 -6.39 10.33 -12.43
CA TYR A 160 -7.15 9.11 -12.67
C TYR A 160 -8.48 9.14 -11.93
N LEU A 161 -9.53 8.72 -12.61
CA LEU A 161 -10.85 8.56 -12.03
C LEU A 161 -11.37 7.20 -12.47
N HIS A 162 -11.79 6.38 -11.52
CA HIS A 162 -12.04 4.99 -11.86
C HIS A 162 -13.37 4.85 -12.61
N GLN A 163 -13.35 4.08 -13.69
CA GLN A 163 -14.48 3.92 -14.58
C GLN A 163 -15.00 2.48 -14.65
N ILE A 164 -14.14 1.49 -14.95
CA ILE A 164 -14.60 0.17 -15.38
C ILE A 164 -13.64 -0.94 -14.96
N GLU A 165 -14.19 -2.16 -14.89
CA GLU A 165 -13.49 -3.41 -14.62
C GLU A 165 -13.71 -4.33 -15.81
N LEU A 166 -12.64 -4.69 -16.53
CA LEU A 166 -12.79 -5.55 -17.70
C LEU A 166 -13.02 -7.00 -17.28
N GLY A 167 -13.47 -7.82 -18.25
CA GLY A 167 -13.76 -9.22 -17.97
C GLY A 167 -12.62 -9.97 -17.32
N SER A 168 -11.38 -9.56 -17.60
CA SER A 168 -10.20 -10.18 -17.02
C SER A 168 -9.91 -9.73 -15.59
N GLY A 169 -10.56 -8.67 -15.11
CA GLY A 169 -10.29 -8.10 -13.80
C GLY A 169 -9.39 -6.88 -13.80
N ALA A 170 -8.75 -6.54 -14.91
CA ALA A 170 -7.96 -5.32 -14.97
C ALA A 170 -8.89 -4.11 -15.00
N HIS A 171 -8.35 -2.97 -14.61
CA HIS A 171 -9.16 -1.79 -14.36
C HIS A 171 -8.76 -0.66 -15.27
N VAL A 172 -9.75 0.11 -15.72
CA VAL A 172 -9.52 1.25 -16.60
C VAL A 172 -10.23 2.46 -15.99
N GLY A 173 -9.58 3.61 -16.09
CA GLY A 173 -10.16 4.86 -15.68
C GLY A 173 -10.02 5.91 -16.77
N SER A 174 -10.45 7.10 -16.42
CA SER A 174 -10.25 8.26 -17.25
C SER A 174 -9.35 9.23 -16.51
N ASP A 175 -8.84 10.22 -17.23
CA ASP A 175 -8.15 11.32 -16.57
C ASP A 175 -9.15 12.45 -16.36
N PHE A 176 -8.68 13.55 -15.80
CA PHE A 176 -9.56 14.65 -15.44
C PHE A 176 -9.98 15.49 -16.64
N THR A 177 -9.37 15.32 -17.82
CA THR A 177 -9.89 15.92 -19.05
C THR A 177 -11.08 15.17 -19.61
N GLY A 178 -11.31 13.93 -19.17
CA GLY A 178 -12.38 13.12 -19.70
C GLY A 178 -11.94 12.02 -20.62
N SER A 179 -10.70 12.03 -21.11
CA SER A 179 -10.19 10.93 -21.90
C SER A 179 -10.15 9.64 -21.08
N VAL A 180 -10.59 8.55 -21.67
CA VAL A 180 -10.39 7.23 -21.12
C VAL A 180 -9.02 6.71 -21.58
N TYR A 181 -8.20 6.28 -20.63
CA TYR A 181 -6.92 5.66 -20.95
C TYR A 181 -7.14 4.45 -21.85
N GLY A 182 -6.38 4.39 -22.95
CA GLY A 182 -6.51 3.28 -23.87
C GLY A 182 -7.67 3.37 -24.84
N ASN A 183 -8.40 4.49 -24.87
CA ASN A 183 -9.56 4.65 -25.75
C ASN A 183 -10.59 3.54 -25.52
N PHE A 184 -10.66 3.04 -24.28
CA PHE A 184 -11.77 2.21 -23.88
C PHE A 184 -13.04 3.05 -23.79
N ASP A 185 -14.19 2.42 -24.03
CA ASP A 185 -15.48 3.08 -23.90
C ASP A 185 -16.04 2.89 -22.50
N ASP A 186 -16.76 3.90 -22.02
CA ASP A 186 -17.48 3.80 -20.74
C ASP A 186 -18.94 3.42 -20.99
N GLN A 187 -19.10 2.21 -21.55
CA GLN A 187 -20.38 1.59 -21.90
C GLN A 187 -20.39 0.16 -21.37
N PRO A 188 -21.57 -0.38 -21.06
CA PRO A 188 -21.62 -1.80 -20.63
C PRO A 188 -21.57 -2.75 -21.82
N SER A 189 -20.38 -2.85 -22.41
CA SER A 189 -20.09 -3.72 -23.54
C SER A 189 -18.90 -4.62 -23.18
N LEU A 190 -18.45 -5.40 -24.15
CA LEU A 190 -17.30 -6.30 -23.97
C LEU A 190 -16.15 -5.76 -24.79
N GLN A 191 -15.18 -5.15 -24.12
CA GLN A 191 -13.93 -4.76 -24.72
C GLN A 191 -12.80 -5.58 -24.10
N VAL A 192 -11.80 -5.90 -24.92
CA VAL A 192 -10.73 -6.80 -24.52
C VAL A 192 -9.40 -6.08 -24.73
N GLU A 193 -8.60 -6.00 -23.67
CA GLU A 193 -7.34 -5.29 -23.69
C GLU A 193 -6.27 -6.09 -24.45
N SER A 194 -5.21 -5.40 -24.84
CA SER A 194 -4.09 -6.07 -25.48
C SER A 194 -3.24 -6.77 -24.43
N ALA A 195 -2.35 -7.64 -24.89
CA ALA A 195 -1.51 -8.39 -23.96
C ALA A 195 -0.56 -7.43 -23.26
N ASN A 196 -0.37 -7.63 -21.97
CA ASN A 196 0.48 -6.74 -21.21
C ASN A 196 1.95 -7.03 -21.47
N LEU A 197 2.76 -5.97 -21.52
CA LEU A 197 4.19 -6.11 -21.70
C LEU A 197 4.91 -5.88 -20.37
N MET A 198 5.81 -6.80 -20.02
CA MET A 198 6.72 -6.58 -18.91
C MET A 198 7.48 -5.27 -19.11
N LEU A 199 7.45 -4.43 -18.07
CA LEU A 199 8.08 -3.11 -18.09
C LEU A 199 9.58 -3.27 -17.85
N SER A 200 10.36 -3.17 -18.93
CA SER A 200 11.78 -3.47 -18.87
C SER A 200 12.54 -2.52 -17.95
N ASP A 201 12.12 -1.24 -17.89
CA ASP A 201 12.80 -0.30 -17.01
C ASP A 201 12.69 -0.70 -15.53
N ASN A 202 11.53 -1.21 -15.11
CA ASN A 202 11.37 -1.65 -13.73
C ASN A 202 12.09 -2.97 -13.45
N VAL A 203 12.21 -3.85 -14.44
CA VAL A 203 12.94 -5.09 -14.21
C VAL A 203 14.41 -4.78 -14.01
N VAL A 204 14.92 -3.77 -14.72
CA VAL A 204 16.29 -3.33 -14.51
C VAL A 204 16.47 -2.76 -13.11
N ALA A 205 15.54 -1.89 -12.69
CA ALA A 205 15.59 -1.39 -11.31
C ALA A 205 15.54 -2.54 -10.31
N PHE A 206 14.68 -3.52 -10.55
CA PHE A 206 14.52 -4.63 -9.63
C PHE A 206 15.80 -5.45 -9.55
N LEU A 207 16.38 -5.79 -10.69
CA LEU A 207 17.64 -6.53 -10.65
C LEU A 207 18.74 -5.75 -9.94
N TYR A 208 18.73 -4.41 -10.05
CA TYR A 208 19.68 -3.61 -9.28
C TYR A 208 19.43 -3.75 -7.78
N ALA A 209 18.16 -3.69 -7.38
CA ALA A 209 17.84 -3.91 -5.96
C ALA A 209 18.43 -5.22 -5.46
N ALA A 210 18.27 -6.30 -6.24
CA ALA A 210 18.72 -7.63 -5.82
C ALA A 210 20.22 -7.68 -5.59
N LEU A 211 20.98 -6.92 -6.40
CA LEU A 211 22.44 -6.90 -6.25
C LEU A 211 22.86 -6.16 -4.98
N LEU A 212 22.22 -5.04 -4.71
CA LEU A 212 22.49 -4.28 -3.49
C LEU A 212 22.09 -5.05 -2.24
N ASN A 213 21.20 -6.04 -2.36
CA ASN A 213 20.88 -6.92 -1.24
C ASN A 213 21.69 -8.22 -1.27
N GLY A 214 22.68 -8.33 -2.17
CA GLY A 214 23.52 -9.50 -2.18
C GLY A 214 22.93 -10.73 -2.83
N CYS A 215 22.06 -10.55 -3.81
CA CYS A 215 21.50 -11.66 -4.58
C CYS A 215 22.00 -11.50 -6.00
N ARG A 216 22.94 -12.33 -6.42
CA ARG A 216 23.60 -12.12 -7.70
C ARG A 216 23.96 -13.45 -8.39
N TRP A 217 23.30 -14.54 -8.01
CA TRP A 217 23.57 -15.83 -8.65
C TRP A 217 23.18 -15.83 -10.12
N TRP A 218 22.25 -14.95 -10.50
CA TRP A 218 21.73 -14.86 -11.84
C TRP A 218 22.57 -14.00 -12.77
N LEU A 219 23.56 -13.26 -12.24
CA LEU A 219 24.20 -12.15 -12.96
C LEU A 219 24.96 -12.62 -14.19
N CYS A 220 24.77 -11.92 -15.30
CA CYS A 220 25.46 -12.22 -16.54
C CYS A 220 26.69 -11.35 -16.70
N SER A 221 27.75 -11.94 -17.22
CA SER A 221 28.88 -11.15 -17.65
C SER A 221 28.74 -10.69 -19.10
N THR A 222 27.91 -11.39 -19.87
CA THR A 222 27.51 -10.96 -21.22
C THR A 222 26.89 -9.56 -21.18
N ARG A 223 27.16 -8.77 -22.21
CA ARG A 223 26.49 -7.48 -22.43
C ARG A 223 25.68 -7.53 -23.72
N VAL A 224 24.42 -7.09 -23.67
CA VAL A 224 23.66 -6.82 -24.89
C VAL A 224 23.29 -5.35 -24.90
N ASN A 225 23.42 -4.70 -26.05
CA ASN A 225 23.12 -3.27 -26.10
C ASN A 225 21.62 -2.98 -26.18
N VAL A 226 21.28 -1.71 -25.95
CA VAL A 226 19.90 -1.26 -25.96
C VAL A 226 19.21 -1.66 -27.27
N ASP A 227 19.86 -1.39 -28.41
CA ASP A 227 19.29 -1.73 -29.69
C ASP A 227 18.97 -3.21 -29.78
N GLY A 228 19.97 -4.06 -29.47
CA GLY A 228 19.77 -5.49 -29.51
C GLY A 228 18.66 -5.92 -28.57
N PHE A 229 18.62 -5.33 -27.37
CA PHE A 229 17.61 -5.75 -26.40
C PHE A 229 16.21 -5.35 -26.87
N ASN A 230 16.04 -4.12 -27.37
CA ASN A 230 14.72 -3.68 -27.81
C ASN A 230 14.16 -4.61 -28.89
N GLU A 231 15.03 -5.05 -29.81
CA GLU A 231 14.61 -5.99 -30.83
C GLU A 231 14.18 -7.32 -30.23
N TRP A 232 14.99 -7.85 -29.30
CA TRP A 232 14.60 -9.06 -28.57
C TRP A 232 13.34 -8.84 -27.75
N ALA A 233 13.18 -7.66 -27.12
CA ALA A 233 12.04 -7.43 -26.25
C ALA A 233 10.72 -7.49 -27.02
N MET A 234 10.73 -7.09 -28.29
CA MET A 234 9.55 -7.26 -29.14
C MET A 234 9.09 -8.71 -29.16
N ALA A 235 9.99 -9.62 -29.50
CA ALA A 235 9.60 -11.00 -29.75
C ALA A 235 9.31 -11.78 -28.48
N ASN A 236 9.36 -11.14 -27.29
CA ASN A 236 9.24 -11.90 -26.04
C ASN A 236 8.46 -11.14 -24.96
N GLY A 237 7.65 -10.15 -25.31
CA GLY A 237 6.69 -9.63 -24.34
C GLY A 237 7.23 -8.62 -23.36
N TYR A 238 8.34 -7.97 -23.69
CA TYR A 238 8.91 -6.92 -22.85
C TYR A 238 8.81 -5.61 -23.61
N THR A 239 8.80 -4.52 -22.85
CA THR A 239 8.95 -3.23 -23.50
C THR A 239 10.40 -2.99 -23.87
N SER A 240 10.61 -2.00 -24.71
CA SER A 240 11.94 -1.48 -24.89
C SER A 240 12.47 -0.90 -23.59
N VAL A 241 13.80 -0.82 -23.48
CA VAL A 241 14.43 -0.02 -22.44
C VAL A 241 14.50 1.43 -22.92
N SER A 242 14.07 2.36 -22.07
CA SER A 242 14.07 3.76 -22.46
C SER A 242 15.49 4.28 -22.61
N SER A 243 16.27 4.19 -21.54
CA SER A 243 17.63 4.71 -21.54
C SER A 243 18.48 3.89 -20.58
N VAL A 244 19.74 4.27 -20.48
CA VAL A 244 20.72 3.56 -19.68
C VAL A 244 21.26 4.44 -18.55
N GLU A 245 21.64 5.67 -18.88
CA GLU A 245 22.47 6.45 -17.97
C GLU A 245 21.74 6.87 -16.69
N CYS A 246 20.40 6.88 -16.70
CA CYS A 246 19.66 7.24 -15.49
C CYS A 246 19.90 6.25 -14.36
N TYR A 247 20.49 5.08 -14.65
CA TYR A 247 20.80 4.09 -13.63
C TYR A 247 22.20 4.25 -13.07
N SER A 248 22.96 5.25 -13.52
CA SER A 248 24.39 5.33 -13.21
C SER A 248 24.65 5.30 -11.70
N ILE A 249 23.78 5.96 -10.92
CA ILE A 249 23.85 5.85 -9.47
C ILE A 249 23.97 4.39 -9.04
N LEU A 250 23.20 3.50 -9.66
CA LEU A 250 23.19 2.09 -9.27
C LEU A 250 24.33 1.32 -9.90
N ALA A 251 24.63 1.58 -11.18
CA ALA A 251 25.77 0.98 -11.84
C ALA A 251 27.05 1.19 -11.04
N ALA A 252 27.19 2.38 -10.44
CA ALA A 252 28.38 2.69 -9.65
C ALA A 252 28.44 1.87 -8.36
N LYS A 253 27.31 1.76 -7.65
CA LYS A 253 27.30 1.06 -6.36
C LYS A 253 27.48 -0.45 -6.52
N THR A 254 27.10 -1.02 -7.66
CA THR A 254 27.18 -2.46 -7.87
C THR A 254 28.32 -2.88 -8.79
N GLY A 255 28.90 -1.95 -9.55
CA GLY A 255 29.87 -2.30 -10.56
C GLY A 255 29.29 -2.97 -11.79
N VAL A 256 27.97 -3.00 -11.94
CA VAL A 256 27.30 -3.70 -13.03
C VAL A 256 26.65 -2.69 -13.98
N SER A 257 26.79 -2.93 -15.27
CA SER A 257 26.22 -2.03 -16.26
C SER A 257 24.81 -2.47 -16.59
N VAL A 258 24.05 -1.54 -17.21
CA VAL A 258 22.69 -1.86 -17.63
C VAL A 258 22.72 -2.93 -18.70
N GLU A 259 23.76 -2.95 -19.53
CA GLU A 259 23.82 -3.97 -20.58
C GLU A 259 23.96 -5.36 -19.99
N GLN A 260 24.65 -5.51 -18.85
CA GLN A 260 24.66 -6.80 -18.20
C GLN A 260 23.27 -7.19 -17.69
N LEU A 261 22.52 -6.19 -17.20
CA LEU A 261 21.20 -6.53 -16.70
C LEU A 261 20.25 -6.91 -17.82
N LEU A 262 20.38 -6.31 -19.02
CA LEU A 262 19.50 -6.70 -20.12
C LEU A 262 19.86 -8.09 -20.66
N ALA A 263 21.16 -8.43 -20.68
CA ALA A 263 21.55 -9.81 -20.95
C ALA A 263 20.98 -10.73 -19.89
N SER A 264 21.01 -10.30 -18.64
CA SER A 264 20.43 -11.11 -17.57
C SER A 264 18.93 -11.34 -17.78
N ILE A 265 18.19 -10.35 -18.31
CA ILE A 265 16.76 -10.55 -18.53
C ILE A 265 16.51 -11.62 -19.60
N GLN A 266 17.23 -11.56 -20.71
CA GLN A 266 17.14 -12.63 -21.71
C GLN A 266 17.53 -13.97 -21.10
N HIS A 267 18.52 -13.98 -20.21
CA HIS A 267 18.96 -15.23 -19.59
C HIS A 267 17.93 -15.72 -18.58
N LEU A 268 17.26 -14.81 -17.88
CA LEU A 268 16.27 -15.18 -16.89
C LEU A 268 14.86 -15.34 -17.48
N HIS A 269 14.73 -15.37 -18.81
CA HIS A 269 13.41 -15.22 -19.44
C HIS A 269 12.44 -16.32 -19.04
N GLU A 270 12.83 -17.58 -19.27
CA GLU A 270 11.98 -18.74 -18.98
C GLU A 270 11.53 -18.76 -17.52
N GLY A 271 12.45 -19.12 -16.63
CA GLY A 271 12.21 -19.01 -15.21
C GLY A 271 13.53 -19.11 -14.48
N PHE A 272 13.44 -19.21 -13.16
CA PHE A 272 14.64 -19.24 -12.31
C PHE A 272 15.12 -20.65 -12.01
N GLY A 273 14.34 -21.68 -12.39
CA GLY A 273 14.72 -23.06 -12.16
C GLY A 273 14.84 -23.42 -10.70
N GLY A 274 13.83 -23.05 -9.92
CA GLY A 274 13.82 -23.37 -8.50
C GLY A 274 14.35 -22.24 -7.64
N LYS A 275 15.37 -21.53 -8.11
CA LYS A 275 15.97 -20.48 -7.32
C LYS A 275 15.06 -19.25 -7.29
N ASN A 276 15.43 -18.28 -6.46
CA ASN A 276 14.62 -17.08 -6.33
C ASN A 276 15.51 -15.84 -6.30
N ILE A 277 14.92 -14.71 -6.67
CA ILE A 277 15.55 -13.40 -6.56
C ILE A 277 14.72 -12.61 -5.56
N LEU A 278 15.29 -12.38 -4.37
CA LEU A 278 14.60 -11.64 -3.32
C LEU A 278 13.26 -12.29 -3.00
N GLY A 279 13.24 -13.63 -2.99
CA GLY A 279 12.02 -14.37 -2.77
C GLY A 279 11.08 -14.44 -3.95
N TYR A 280 11.29 -13.66 -5.01
CA TYR A 280 10.44 -13.74 -6.19
C TYR A 280 10.92 -14.88 -7.06
N SER A 281 9.97 -15.61 -7.65
CA SER A 281 10.28 -16.79 -8.46
C SER A 281 10.19 -16.52 -9.96
N SER A 282 9.80 -15.30 -10.35
CA SER A 282 9.92 -14.83 -11.73
C SER A 282 10.24 -13.35 -11.69
N LEU A 283 10.64 -12.80 -12.83
CA LEU A 283 11.03 -11.41 -12.89
C LEU A 283 9.90 -10.50 -12.43
N CYS A 284 10.29 -9.38 -11.83
CA CYS A 284 9.38 -8.48 -11.14
C CYS A 284 9.51 -7.10 -11.75
N ASP A 285 8.37 -6.51 -12.14
CA ASP A 285 8.36 -5.19 -12.77
C ASP A 285 7.40 -4.26 -12.04
N GLU A 286 7.25 -4.44 -10.72
CA GLU A 286 6.35 -3.62 -9.93
C GLU A 286 6.97 -2.29 -9.55
N PHE A 287 8.29 -2.23 -9.40
CA PHE A 287 8.98 -1.09 -8.81
C PHE A 287 9.75 -0.33 -9.88
N THR A 288 9.53 0.98 -9.94
CA THR A 288 10.29 1.83 -10.82
C THR A 288 11.67 2.11 -10.22
N LEU A 289 12.54 2.70 -11.06
CA LEU A 289 13.82 3.19 -10.56
C LEU A 289 13.62 4.16 -9.39
N ALA A 290 12.70 5.12 -9.54
CA ALA A 290 12.54 6.14 -8.50
C ALA A 290 12.13 5.50 -7.17
N GLU A 291 11.26 4.49 -7.22
CA GLU A 291 10.88 3.72 -6.05
C GLU A 291 12.08 3.03 -5.40
N VAL A 292 12.93 2.37 -6.21
CA VAL A 292 14.05 1.61 -5.66
C VAL A 292 15.04 2.57 -4.97
N VAL A 293 15.45 3.62 -5.68
CA VAL A 293 16.40 4.59 -5.14
C VAL A 293 15.82 5.35 -3.93
N LYS A 294 14.52 5.62 -3.90
CA LYS A 294 13.98 6.28 -2.72
C LYS A 294 13.97 5.32 -1.54
N GLN A 295 13.34 4.16 -1.70
CA GLN A 295 13.22 3.21 -0.60
C GLN A 295 14.57 2.74 -0.09
N MET A 296 15.58 2.72 -0.95
CA MET A 296 16.87 2.21 -0.52
C MET A 296 17.86 3.29 -0.14
N TYR A 297 17.68 4.51 -0.63
CA TYR A 297 18.63 5.58 -0.30
C TYR A 297 18.01 6.90 0.11
N GLY A 298 16.70 7.10 -0.05
CA GLY A 298 16.09 8.37 0.33
C GLY A 298 16.25 9.50 -0.68
N VAL A 299 16.58 9.19 -1.93
CA VAL A 299 16.61 10.19 -3.00
C VAL A 299 15.32 10.12 -3.83
N LYS B 3 -5.27 -7.45 -3.79
CA LYS B 3 -4.39 -6.28 -3.67
C LYS B 3 -4.17 -5.79 -2.22
N LYS B 4 -2.91 -5.76 -1.78
CA LYS B 4 -2.57 -5.28 -0.45
C LYS B 4 -2.73 -3.76 -0.35
N MET B 5 -3.49 -3.31 0.65
CA MET B 5 -3.86 -1.91 0.80
C MET B 5 -3.54 -1.42 2.20
N ALA B 6 -3.32 -0.11 2.30
CA ALA B 6 -3.30 0.59 3.57
C ALA B 6 -4.59 1.39 3.76
N GLN B 7 -5.08 1.44 4.99
CA GLN B 7 -6.17 2.35 5.28
C GLN B 7 -5.67 3.81 5.19
N PRO B 8 -6.56 4.76 4.91
CA PRO B 8 -6.11 6.13 4.69
C PRO B 8 -5.50 6.74 5.95
N SER B 9 -4.52 7.62 5.74
CA SER B 9 -3.61 8.03 6.80
C SER B 9 -3.73 9.50 7.22
N GLY B 10 -4.65 10.27 6.64
CA GLY B 10 -4.73 11.69 6.98
C GLY B 10 -4.87 11.95 8.47
N CYS B 11 -5.73 11.18 9.14
CA CYS B 11 -5.88 11.34 10.58
C CYS B 11 -4.55 11.14 11.31
N VAL B 12 -3.67 10.29 10.79
CA VAL B 12 -2.41 9.99 11.47
C VAL B 12 -1.29 10.95 11.05
N GLU B 13 -1.31 11.40 9.79
CA GLU B 13 -0.33 12.37 9.29
C GLU B 13 -0.22 13.59 10.20
N ARG B 14 -1.37 14.16 10.62
CA ARG B 14 -1.38 15.34 11.48
C ARG B 14 -0.80 15.08 12.87
N CYS B 15 -0.47 13.83 13.19
CA CYS B 15 -0.01 13.45 14.52
C CYS B 15 1.48 13.14 14.58
N VAL B 16 2.22 13.36 13.51
CA VAL B 16 3.62 12.97 13.44
C VAL B 16 4.50 14.21 13.54
N VAL B 17 5.40 14.23 14.53
CA VAL B 17 6.24 15.38 14.81
C VAL B 17 7.70 14.97 14.68
N ARG B 18 8.56 15.99 14.69
CA ARG B 18 10.00 15.83 14.64
C ARG B 18 10.56 16.00 16.05
N VAL B 19 11.28 14.99 16.53
CA VAL B 19 11.86 15.02 17.87
C VAL B 19 13.38 15.00 17.75
N CYS B 20 14.03 15.97 18.37
CA CYS B 20 15.46 16.14 18.27
C CYS B 20 16.05 16.20 19.67
N TYR B 21 17.12 15.43 19.90
CA TYR B 21 17.92 15.50 21.12
C TYR B 21 19.37 15.60 20.70
N GLY B 22 19.99 16.73 20.99
CA GLY B 22 21.32 17.01 20.50
C GLY B 22 21.31 16.95 18.99
N SER B 23 22.11 16.04 18.45
CA SER B 23 22.26 15.85 17.02
C SER B 23 21.38 14.72 16.45
N THR B 24 20.65 13.99 17.29
CA THR B 24 19.90 12.83 16.80
C THR B 24 18.43 13.20 16.63
N VAL B 25 17.88 12.83 15.47
CA VAL B 25 16.53 13.16 15.07
C VAL B 25 15.78 11.86 14.78
N LEU B 26 14.52 11.82 15.17
CA LEU B 26 13.60 10.78 14.74
C LEU B 26 12.18 11.33 14.87
N ASN B 27 11.20 10.46 14.68
CA ASN B 27 9.80 10.83 14.67
C ASN B 27 9.16 10.54 16.03
N GLY B 28 8.14 11.33 16.35
CA GLY B 28 7.30 11.07 17.50
C GLY B 28 5.85 11.24 17.15
N VAL B 29 5.00 10.85 18.09
CA VAL B 29 3.57 10.80 17.87
C VAL B 29 2.89 11.67 18.91
N TRP B 30 2.23 12.72 18.42
CA TRP B 30 1.70 13.81 19.22
C TRP B 30 0.19 13.60 19.42
N LEU B 31 -0.21 13.22 20.63
CA LEU B 31 -1.62 12.95 20.97
C LEU B 31 -1.95 13.69 22.25
N GLY B 32 -2.96 14.56 22.18
CA GLY B 32 -3.20 15.48 23.28
C GLY B 32 -1.96 16.33 23.46
N ASP B 33 -1.47 16.40 24.70
CA ASP B 33 -0.23 17.12 25.01
C ASP B 33 0.93 16.16 25.31
N THR B 34 0.91 14.98 24.72
CA THR B 34 1.98 14.01 24.88
C THR B 34 2.57 13.67 23.52
N VAL B 35 3.90 13.57 23.48
CA VAL B 35 4.66 13.13 22.33
C VAL B 35 5.42 11.89 22.78
N THR B 36 5.13 10.76 22.12
CA THR B 36 5.75 9.48 22.40
C THR B 36 6.75 9.17 21.29
N CYS B 37 7.95 8.74 21.69
CA CYS B 37 8.96 8.49 20.67
C CYS B 37 9.92 7.45 21.23
N PRO B 38 10.75 6.83 20.37
CA PRO B 38 11.71 5.84 20.89
C PRO B 38 12.79 6.53 21.71
N ARG B 39 13.18 5.85 22.81
CA ARG B 39 14.18 6.43 23.71
C ARG B 39 15.56 6.48 23.07
N HIS B 40 15.73 5.86 21.90
CA HIS B 40 16.96 5.99 21.16
C HIS B 40 17.39 7.45 21.00
N VAL B 41 16.43 8.39 21.00
CA VAL B 41 16.79 9.76 20.69
C VAL B 41 17.71 10.36 21.75
N ILE B 42 17.56 9.99 23.03
CA ILE B 42 18.48 10.53 24.04
C ILE B 42 19.78 9.76 24.17
N ALA B 43 20.05 8.78 23.30
CA ALA B 43 21.24 7.98 23.51
C ALA B 43 22.48 8.72 23.01
N PRO B 44 23.64 8.40 23.56
CA PRO B 44 24.89 9.02 23.07
C PRO B 44 25.43 8.31 21.85
N SER B 45 26.23 9.06 21.09
CA SER B 45 26.86 8.53 19.88
C SER B 45 28.02 7.64 20.30
N THR B 46 27.76 6.34 20.43
CA THR B 46 28.79 5.41 20.84
C THR B 46 28.50 4.03 20.25
N THR B 47 29.52 3.19 20.21
CA THR B 47 29.36 1.85 19.69
C THR B 47 29.01 0.84 20.78
N VAL B 48 29.15 1.21 22.04
CA VAL B 48 28.91 0.26 23.12
C VAL B 48 27.40 0.10 23.32
N LEU B 49 27.01 -0.86 24.14
CA LEU B 49 25.63 -0.95 24.59
C LEU B 49 25.27 0.28 25.41
N ILE B 50 24.11 0.85 25.14
CA ILE B 50 23.68 2.08 25.80
C ILE B 50 23.06 1.74 27.16
N ASP B 51 23.47 2.48 28.19
CA ASP B 51 22.89 2.36 29.52
C ASP B 51 21.79 3.42 29.59
N TYR B 52 20.53 3.00 29.44
CA TYR B 52 19.47 4.00 29.29
C TYR B 52 19.09 4.64 30.61
N ASP B 53 19.15 3.90 31.72
CA ASP B 53 18.96 4.53 33.03
C ASP B 53 19.89 5.74 33.20
N HIS B 54 21.16 5.59 32.85
CA HIS B 54 22.12 6.68 32.99
C HIS B 54 21.84 7.82 32.00
N ALA B 55 21.50 7.49 30.74
CA ALA B 55 21.15 8.53 29.78
C ALA B 55 19.91 9.30 30.22
N TYR B 56 18.97 8.62 30.86
CA TYR B 56 17.79 9.31 31.37
C TYR B 56 18.16 10.27 32.50
N SER B 57 19.03 9.86 33.42
CA SER B 57 19.32 10.69 34.58
C SER B 57 20.06 11.97 34.19
N THR B 58 21.05 11.86 33.29
CA THR B 58 21.83 13.01 32.86
C THR B 58 21.16 13.80 31.74
N MET B 59 19.83 13.77 31.67
CA MET B 59 19.09 14.33 30.54
C MET B 59 18.73 15.78 30.80
N ARG B 60 18.85 16.62 29.77
CA ARG B 60 18.54 18.05 29.87
C ARG B 60 17.34 18.38 28.98
N LEU B 61 16.26 18.85 29.60
CA LEU B 61 15.07 19.16 28.84
C LEU B 61 15.34 20.17 27.74
N HIS B 62 16.28 21.09 27.96
CA HIS B 62 16.60 22.10 26.96
C HIS B 62 17.38 21.54 25.79
N ASN B 63 17.87 20.30 25.88
CA ASN B 63 18.47 19.66 24.73
C ASN B 63 17.44 19.25 23.68
N PHE B 64 16.15 19.21 24.03
CA PHE B 64 15.10 18.74 23.15
C PHE B 64 14.67 19.81 22.16
N SER B 65 14.27 19.36 20.98
CA SER B 65 13.63 20.22 19.97
C SER B 65 12.50 19.41 19.37
N VAL B 66 11.26 19.79 19.65
CA VAL B 66 10.10 19.08 19.14
C VAL B 66 9.31 20.03 18.27
N SER B 67 9.07 19.65 17.03
CA SER B 67 8.45 20.53 16.07
C SER B 67 7.40 19.81 15.25
N HIS B 68 6.40 20.59 14.79
CA HIS B 68 5.34 20.14 13.89
C HIS B 68 5.32 21.09 12.70
N ASN B 69 5.76 20.59 11.55
CA ASN B 69 5.72 21.34 10.29
C ASN B 69 6.38 22.70 10.45
N GLY B 70 7.62 22.69 10.94
CA GLY B 70 8.43 23.88 11.11
C GLY B 70 8.09 24.74 12.31
N VAL B 71 7.24 24.27 13.22
CA VAL B 71 6.66 25.06 14.28
C VAL B 71 6.92 24.35 15.60
N PHE B 72 7.52 25.07 16.55
CA PHE B 72 8.15 24.42 17.69
C PHE B 72 7.22 24.34 18.90
N LEU B 73 7.23 23.17 19.54
CA LEU B 73 6.46 22.92 20.74
C LEU B 73 7.41 22.94 21.92
N GLY B 74 6.92 23.49 23.05
CA GLY B 74 7.72 23.57 24.25
C GLY B 74 7.61 22.29 25.04
N VAL B 75 8.75 21.74 25.45
CA VAL B 75 8.81 20.54 26.25
C VAL B 75 8.62 20.92 27.72
N VAL B 76 7.71 20.22 28.38
CA VAL B 76 7.50 20.39 29.82
C VAL B 76 8.25 19.35 30.63
N GLY B 77 8.22 18.09 30.19
CA GLY B 77 8.80 17.00 30.95
C GLY B 77 8.87 15.74 30.12
N VAL B 78 9.71 14.82 30.58
CA VAL B 78 9.93 13.56 29.88
C VAL B 78 10.02 12.45 30.91
N THR B 79 9.23 11.38 30.70
CA THR B 79 9.33 10.16 31.47
C THR B 79 9.69 9.02 30.52
N MET B 80 10.28 7.97 31.09
CA MET B 80 10.72 6.81 30.32
C MET B 80 9.91 5.58 30.69
N HIS B 81 9.38 4.90 29.68
CA HIS B 81 8.58 3.69 29.87
C HIS B 81 9.07 2.67 28.85
N GLY B 82 9.86 1.72 29.33
CA GLY B 82 10.42 0.72 28.44
C GLY B 82 11.28 1.39 27.40
N SER B 83 11.02 1.04 26.14
CA SER B 83 11.79 1.51 25.02
C SER B 83 11.33 2.86 24.47
N VAL B 84 10.37 3.54 25.12
CA VAL B 84 9.85 4.80 24.61
C VAL B 84 9.94 5.89 25.66
N LEU B 85 9.80 7.13 25.21
CA LEU B 85 9.77 8.29 26.06
C LEU B 85 8.42 8.96 25.91
N ARG B 86 7.87 9.47 27.00
CA ARG B 86 6.67 10.30 26.94
C ARG B 86 7.08 11.74 27.21
N ILE B 87 7.01 12.56 26.17
CA ILE B 87 7.46 13.96 26.19
C ILE B 87 6.23 14.85 26.33
N LYS B 88 6.04 15.48 27.49
CA LYS B 88 4.88 16.34 27.65
C LYS B 88 5.19 17.73 27.13
N VAL B 89 4.24 18.31 26.39
CA VAL B 89 4.44 19.59 25.70
C VAL B 89 3.34 20.57 26.12
N SER B 90 3.59 21.84 25.82
CA SER B 90 2.78 22.92 26.35
C SER B 90 1.54 23.22 25.52
N GLN B 91 1.34 22.56 24.39
CA GLN B 91 0.03 22.62 23.76
C GLN B 91 -0.38 21.25 23.27
N SER B 92 -1.65 20.92 23.52
CA SER B 92 -2.24 19.73 22.95
C SER B 92 -2.42 19.87 21.44
N ASN B 93 -2.46 18.71 20.78
CA ASN B 93 -2.62 18.62 19.32
C ASN B 93 -4.11 18.73 18.97
N VAL B 94 -4.49 19.84 18.30
CA VAL B 94 -5.91 20.07 18.01
C VAL B 94 -6.43 19.15 16.93
N HIS B 95 -5.57 18.40 16.25
CA HIS B 95 -5.99 17.37 15.30
C HIS B 95 -5.80 15.98 15.89
N THR B 96 -5.85 15.85 17.21
CA THR B 96 -5.80 14.53 17.84
C THR B 96 -7.06 13.76 17.49
N PRO B 97 -6.97 12.63 16.81
CA PRO B 97 -8.18 11.83 16.54
C PRO B 97 -8.57 11.05 17.77
N LYS B 98 -9.88 10.80 17.87
CA LYS B 98 -10.36 9.77 18.78
C LYS B 98 -9.52 8.52 18.59
N HIS B 99 -9.04 7.95 19.70
CA HIS B 99 -7.97 6.96 19.57
C HIS B 99 -7.89 6.10 20.82
N VAL B 100 -7.32 4.91 20.64
CA VAL B 100 -6.90 4.05 21.74
C VAL B 100 -5.51 3.52 21.44
N PHE B 101 -4.89 2.94 22.46
CA PHE B 101 -3.67 2.17 22.30
C PHE B 101 -3.99 0.68 22.40
N LYS B 102 -3.54 -0.10 21.43
CA LYS B 102 -3.75 -1.54 21.44
C LYS B 102 -2.44 -2.25 21.13
N THR B 103 -2.20 -3.37 21.81
CA THR B 103 -1.03 -4.22 21.56
C THR B 103 -1.40 -5.26 20.50
N LEU B 104 -0.62 -5.29 19.42
CA LEU B 104 -0.85 -6.27 18.36
C LEU B 104 -0.58 -7.70 18.82
N LYS B 105 -1.24 -8.65 18.17
CA LYS B 105 -1.06 -10.10 18.30
C LYS B 105 -0.57 -10.68 16.98
N PRO B 106 0.33 -11.67 17.00
CA PRO B 106 0.76 -12.29 15.74
C PRO B 106 -0.44 -12.69 14.90
N GLY B 107 -0.36 -12.43 13.60
CA GLY B 107 -1.48 -12.58 12.70
C GLY B 107 -2.30 -11.31 12.47
N ASP B 108 -2.16 -10.31 13.33
CA ASP B 108 -2.85 -9.04 13.12
C ASP B 108 -2.27 -8.31 11.92
N SER B 109 -3.14 -7.59 11.21
CA SER B 109 -2.70 -6.67 10.20
C SER B 109 -2.85 -5.27 10.75
N PHE B 110 -2.06 -4.34 10.23
CA PHE B 110 -2.15 -2.92 10.58
C PHE B 110 -1.49 -2.13 9.45
N ASN B 111 -1.22 -0.85 9.68
CA ASN B 111 -0.68 0.01 8.63
C ASN B 111 0.50 0.81 9.18
N ILE B 112 1.57 0.88 8.40
CA ILE B 112 2.70 1.74 8.71
C ILE B 112 2.55 3.04 7.93
N LEU B 113 2.73 4.15 8.62
CA LEU B 113 3.00 5.42 7.97
C LEU B 113 4.49 5.68 8.14
N ALA B 114 5.26 5.51 7.06
CA ALA B 114 6.70 5.70 7.10
C ALA B 114 7.04 7.20 7.09
N CYS B 115 7.82 7.64 8.08
CA CYS B 115 8.12 9.04 8.33
C CYS B 115 9.62 9.28 8.41
N TYR B 116 10.03 10.49 8.03
CA TYR B 116 11.41 10.96 8.08
C TYR B 116 11.41 12.44 8.48
N GLU B 117 12.21 12.78 9.50
CA GLU B 117 12.27 14.13 10.06
C GLU B 117 10.88 14.71 10.33
N GLY B 118 9.94 13.84 10.72
CA GLY B 118 8.62 14.27 11.13
C GLY B 118 7.60 14.41 10.01
N ILE B 119 7.95 14.02 8.78
CA ILE B 119 7.05 14.12 7.64
C ILE B 119 6.79 12.73 7.09
N ALA B 120 5.50 12.40 6.90
CA ALA B 120 5.16 11.14 6.25
C ALA B 120 5.64 11.13 4.80
N SER B 121 6.18 9.99 4.36
CA SER B 121 6.49 9.82 2.94
C SER B 121 5.79 8.63 2.29
N GLY B 122 5.23 7.70 3.08
CA GLY B 122 4.73 6.45 2.52
C GLY B 122 3.83 5.69 3.46
N VAL B 123 2.92 4.90 2.91
CA VAL B 123 1.92 4.22 3.71
C VAL B 123 1.69 2.84 3.09
N PHE B 124 1.68 1.82 3.94
CA PHE B 124 1.50 0.45 3.47
C PHE B 124 0.93 -0.41 4.59
N GLY B 125 0.15 -1.42 4.20
CA GLY B 125 -0.30 -2.42 5.16
C GLY B 125 0.75 -3.52 5.37
N VAL B 126 0.91 -3.91 6.64
CA VAL B 126 1.80 -5.00 7.04
C VAL B 126 1.02 -6.00 7.88
N ASN B 127 1.61 -7.17 8.06
CA ASN B 127 1.19 -8.17 9.03
C ASN B 127 2.26 -8.34 10.09
N LEU B 128 1.84 -8.42 11.35
CA LEU B 128 2.75 -8.83 12.41
C LEU B 128 2.91 -10.35 12.36
N ARG B 129 4.15 -10.80 12.16
CA ARG B 129 4.41 -12.22 11.96
C ARG B 129 4.54 -12.93 13.32
N THR B 130 4.60 -14.27 13.27
CA THR B 130 4.64 -15.03 14.52
C THR B 130 5.93 -14.81 15.28
N ASN B 131 7.00 -14.36 14.62
CA ASN B 131 8.23 -13.99 15.30
C ASN B 131 8.26 -12.52 15.74
N PHE B 132 7.10 -11.86 15.67
CA PHE B 132 6.88 -10.50 16.18
C PHE B 132 7.67 -9.45 15.41
N THR B 133 8.01 -9.75 14.15
CA THR B 133 8.59 -8.77 13.24
C THR B 133 7.63 -8.56 12.08
N ILE B 134 7.88 -7.50 11.30
CA ILE B 134 7.14 -7.25 10.07
C ILE B 134 8.13 -7.15 8.92
N LYS B 135 7.62 -7.31 7.70
CA LYS B 135 8.40 -7.03 6.49
C LYS B 135 7.93 -5.67 5.98
N GLY B 136 8.63 -4.62 6.43
CA GLY B 136 8.36 -3.27 5.99
C GLY B 136 9.46 -2.76 5.08
N SER B 137 9.47 -1.44 4.88
CA SER B 137 10.59 -0.78 4.22
C SER B 137 10.92 0.46 5.01
N PHE B 138 12.14 0.54 5.55
CA PHE B 138 12.63 1.68 6.32
C PHE B 138 14.12 1.89 6.08
N ILE B 139 14.54 3.16 6.03
CA ILE B 139 15.97 3.42 6.11
C ILE B 139 16.24 4.27 7.34
N ASN B 140 17.45 4.82 7.42
CA ASN B 140 17.85 5.62 8.58
C ASN B 140 16.98 6.86 8.69
N GLY B 141 16.47 7.11 9.90
CA GLY B 141 15.56 8.18 10.15
C GLY B 141 14.14 7.72 10.43
N ALA B 142 13.79 6.49 10.06
CA ALA B 142 12.40 6.05 10.11
C ALA B 142 11.89 5.86 11.53
N CYS B 143 12.78 5.79 12.50
CA CYS B 143 12.39 5.37 13.84
C CYS B 143 11.35 6.31 14.42
N GLY B 144 10.36 5.72 15.07
CA GLY B 144 9.20 6.45 15.51
C GLY B 144 8.05 6.49 14.51
N SER B 145 8.24 6.03 13.27
CA SER B 145 7.11 5.90 12.34
C SER B 145 6.01 5.08 13.01
N PRO B 146 4.78 5.58 13.02
CA PRO B 146 3.71 4.87 13.72
C PRO B 146 3.05 3.78 12.88
N GLY B 147 2.42 2.86 13.58
CA GLY B 147 1.54 1.88 12.97
C GLY B 147 0.16 2.04 13.59
N TYR B 148 -0.88 1.87 12.77
CA TYR B 148 -2.23 2.16 13.24
C TYR B 148 -3.23 1.22 12.59
N ASN B 149 -4.41 1.16 13.20
CA ASN B 149 -5.61 0.62 12.59
C ASN B 149 -6.75 1.60 12.82
N VAL B 150 -7.64 1.69 11.85
CA VAL B 150 -8.87 2.47 11.97
C VAL B 150 -10.02 1.49 12.15
N ARG B 151 -10.65 1.49 13.34
CA ARG B 151 -11.82 0.64 13.55
C ARG B 151 -13.04 1.22 12.81
N ASN B 152 -14.15 0.48 12.84
CA ASN B 152 -15.29 0.90 12.03
C ASN B 152 -15.94 2.18 12.55
N ASP B 153 -15.81 2.44 13.85
CA ASP B 153 -16.46 3.61 14.42
C ASP B 153 -15.70 4.91 14.14
N GLY B 154 -14.49 4.85 13.58
CA GLY B 154 -13.62 6.00 13.46
C GLY B 154 -12.47 6.05 14.45
N THR B 155 -12.56 5.31 15.56
CA THR B 155 -11.48 5.24 16.53
C THR B 155 -10.20 4.71 15.89
N VAL B 156 -9.12 5.50 15.95
CA VAL B 156 -7.81 5.01 15.54
C VAL B 156 -7.18 4.23 16.68
N GLU B 157 -6.60 3.07 16.36
CA GLU B 157 -5.83 2.24 17.28
C GLU B 157 -4.35 2.43 16.99
N PHE B 158 -3.62 3.04 17.92
CA PHE B 158 -2.18 3.21 17.76
C PHE B 158 -1.45 2.01 18.36
N CYS B 159 -0.60 1.36 17.56
CA CYS B 159 -0.06 0.09 18.02
C CYS B 159 1.41 -0.16 17.72
N TYR B 160 2.12 0.75 17.05
CA TYR B 160 3.48 0.44 16.62
C TYR B 160 4.29 1.72 16.51
N LEU B 161 5.50 1.71 17.03
CA LEU B 161 6.47 2.79 16.82
C LEU B 161 7.76 2.14 16.36
N HIS B 162 8.26 2.55 15.20
CA HIS B 162 9.39 1.82 14.62
C HIS B 162 10.66 2.01 15.45
N GLN B 163 11.44 0.94 15.54
CA GLN B 163 12.59 0.88 16.44
C GLN B 163 13.84 0.32 15.76
N ILE B 164 13.77 -0.85 15.11
CA ILE B 164 14.99 -1.47 14.63
C ILE B 164 14.75 -2.24 13.33
N GLU B 165 15.83 -2.44 12.57
CA GLU B 165 15.88 -3.36 11.44
C GLU B 165 16.88 -4.45 11.80
N LEU B 166 16.43 -5.71 11.82
CA LEU B 166 17.32 -6.80 12.26
C LEU B 166 18.31 -7.16 11.16
N GLY B 167 19.35 -7.91 11.56
CA GLY B 167 20.36 -8.35 10.61
C GLY B 167 19.77 -9.07 9.42
N SER B 168 18.62 -9.73 9.59
CA SER B 168 17.91 -10.40 8.50
C SER B 168 17.19 -9.42 7.57
N GLY B 169 16.88 -8.20 8.04
CA GLY B 169 16.09 -7.24 7.29
C GLY B 169 14.69 -7.07 7.81
N ALA B 170 14.22 -7.98 8.66
CA ALA B 170 12.93 -7.83 9.30
C ALA B 170 12.93 -6.65 10.27
N HIS B 171 11.78 -5.97 10.37
CA HIS B 171 11.62 -4.76 11.15
C HIS B 171 10.87 -5.01 12.46
N VAL B 172 11.21 -4.22 13.46
CA VAL B 172 10.73 -4.41 14.83
C VAL B 172 10.42 -3.06 15.43
N GLY B 173 9.32 -2.98 16.16
CA GLY B 173 9.05 -1.77 16.90
C GLY B 173 8.43 -2.09 18.24
N SER B 174 7.87 -1.09 18.92
CA SER B 174 7.24 -1.28 20.22
C SER B 174 5.80 -0.77 20.20
N ASP B 175 5.02 -1.11 21.23
CA ASP B 175 3.74 -0.45 21.35
C ASP B 175 3.94 0.84 22.16
N PHE B 176 2.84 1.52 22.46
CA PHE B 176 2.97 2.81 23.11
C PHE B 176 3.16 2.69 24.62
N THR B 177 3.07 1.48 25.18
CA THR B 177 3.46 1.30 26.57
C THR B 177 4.98 1.28 26.73
N GLY B 178 5.71 1.05 25.63
CA GLY B 178 7.15 0.89 25.67
C GLY B 178 7.67 -0.53 25.57
N SER B 179 6.79 -1.53 25.52
CA SER B 179 7.23 -2.91 25.33
C SER B 179 7.58 -3.13 23.85
N VAL B 180 8.77 -3.65 23.60
CA VAL B 180 9.15 -4.05 22.25
C VAL B 180 8.44 -5.36 21.88
N TYR B 181 7.90 -5.42 20.66
CA TYR B 181 7.28 -6.65 20.18
C TYR B 181 8.32 -7.76 20.07
N GLY B 182 8.03 -8.90 20.69
CA GLY B 182 8.99 -9.99 20.82
C GLY B 182 10.14 -9.75 21.77
N ASN B 183 10.14 -8.62 22.49
CA ASN B 183 11.16 -8.26 23.49
C ASN B 183 12.57 -8.23 22.89
N PHE B 184 12.70 -7.81 21.64
CA PHE B 184 14.03 -7.51 21.11
C PHE B 184 14.63 -6.32 21.85
N ASP B 185 15.95 -6.31 21.95
CA ASP B 185 16.67 -5.20 22.57
C ASP B 185 16.81 -4.05 21.60
N ASP B 186 16.41 -2.85 22.03
CA ASP B 186 16.70 -1.62 21.28
C ASP B 186 18.15 -1.20 21.54
N GLN B 187 19.05 -2.10 21.16
CA GLN B 187 20.48 -1.98 21.33
C GLN B 187 21.15 -2.34 20.01
N PRO B 188 22.38 -1.85 19.78
CA PRO B 188 23.15 -2.30 18.59
C PRO B 188 23.89 -3.62 18.82
N SER B 189 23.15 -4.72 18.71
CA SER B 189 23.71 -6.06 18.81
C SER B 189 22.92 -6.97 17.89
N LEU B 190 23.59 -7.98 17.34
CA LEU B 190 22.94 -8.86 16.38
C LEU B 190 21.98 -9.78 17.13
N GLN B 191 20.70 -9.63 16.88
CA GLN B 191 19.72 -10.61 17.32
C GLN B 191 19.18 -11.31 16.10
N VAL B 192 18.98 -12.61 16.22
CA VAL B 192 18.48 -13.45 15.14
C VAL B 192 17.11 -13.90 15.57
N GLU B 193 16.10 -13.48 14.82
CA GLU B 193 14.74 -13.82 15.18
C GLU B 193 14.47 -15.30 14.91
N SER B 194 13.49 -15.84 15.61
CA SER B 194 13.14 -17.22 15.33
C SER B 194 12.35 -17.30 14.02
N ALA B 195 12.27 -18.51 13.49
CA ALA B 195 11.83 -18.71 12.12
C ALA B 195 10.35 -18.46 11.98
N ASN B 196 9.97 -17.84 10.87
CA ASN B 196 8.59 -17.42 10.66
C ASN B 196 7.72 -18.62 10.29
N LEU B 197 6.55 -18.72 10.93
CA LEU B 197 5.53 -19.68 10.52
C LEU B 197 4.57 -19.04 9.52
N MET B 198 4.05 -19.87 8.61
CA MET B 198 2.91 -19.48 7.80
C MET B 198 1.68 -19.34 8.68
N LEU B 199 1.04 -18.18 8.62
CA LEU B 199 -0.23 -17.93 9.31
C LEU B 199 -1.33 -18.72 8.60
N SER B 200 -1.67 -19.88 9.15
CA SER B 200 -2.63 -20.76 8.48
C SER B 200 -3.97 -20.07 8.25
N ASP B 201 -4.33 -19.13 9.13
CA ASP B 201 -5.58 -18.39 8.96
C ASP B 201 -5.59 -17.56 7.67
N ASN B 202 -4.46 -16.93 7.34
CA ASN B 202 -4.42 -16.11 6.13
C ASN B 202 -4.44 -16.97 4.87
N VAL B 203 -3.72 -18.10 4.90
CA VAL B 203 -3.71 -18.99 3.74
C VAL B 203 -5.11 -19.49 3.45
N VAL B 204 -5.87 -19.78 4.52
CA VAL B 204 -7.26 -20.24 4.33
C VAL B 204 -8.09 -19.14 3.69
N ALA B 205 -7.94 -17.91 4.19
CA ALA B 205 -8.65 -16.77 3.60
C ALA B 205 -8.34 -16.65 2.11
N PHE B 206 -7.08 -16.88 1.75
CA PHE B 206 -6.65 -16.73 0.36
C PHE B 206 -7.20 -17.83 -0.55
N LEU B 207 -7.34 -19.07 -0.06
CA LEU B 207 -7.92 -20.11 -0.90
C LEU B 207 -9.41 -19.88 -1.11
N TYR B 208 -10.12 -19.41 -0.08
CA TYR B 208 -11.49 -18.98 -0.27
C TYR B 208 -11.57 -17.90 -1.33
N ALA B 209 -10.65 -16.92 -1.26
CA ALA B 209 -10.52 -15.94 -2.32
C ALA B 209 -10.34 -16.61 -3.67
N ALA B 210 -9.49 -17.65 -3.72
CA ALA B 210 -9.29 -18.35 -4.98
C ALA B 210 -10.61 -18.95 -5.48
N LEU B 211 -11.43 -19.49 -4.56
CA LEU B 211 -12.67 -20.15 -4.94
C LEU B 211 -13.68 -19.15 -5.49
N LEU B 212 -13.74 -17.95 -4.92
CA LEU B 212 -14.65 -16.90 -5.38
C LEU B 212 -14.25 -16.34 -6.73
N ASN B 213 -12.97 -16.48 -7.12
CA ASN B 213 -12.46 -16.05 -8.41
C ASN B 213 -12.53 -17.13 -9.47
N GLY B 214 -13.25 -18.22 -9.19
CA GLY B 214 -13.30 -19.35 -10.10
C GLY B 214 -12.00 -20.09 -10.29
N CYS B 215 -11.23 -20.30 -9.22
CA CYS B 215 -9.96 -21.00 -9.29
C CYS B 215 -10.06 -22.21 -8.37
N ARG B 216 -10.15 -23.41 -8.95
CA ARG B 216 -10.48 -24.58 -8.15
C ARG B 216 -9.69 -25.83 -8.54
N TRP B 217 -8.66 -25.70 -9.38
CA TRP B 217 -7.89 -26.86 -9.82
C TRP B 217 -7.20 -27.58 -8.66
N TRP B 218 -6.94 -26.87 -7.56
CA TRP B 218 -6.17 -27.35 -6.42
C TRP B 218 -7.02 -27.99 -5.34
N LEU B 219 -8.35 -27.91 -5.44
CA LEU B 219 -9.21 -28.20 -4.30
C LEU B 219 -9.25 -29.69 -4.03
N CYS B 220 -8.99 -30.06 -2.77
CA CYS B 220 -9.09 -31.46 -2.35
C CYS B 220 -10.55 -31.84 -2.14
N SER B 221 -10.91 -33.05 -2.59
CA SER B 221 -12.26 -33.55 -2.34
C SER B 221 -12.43 -33.95 -0.89
N THR B 222 -11.35 -34.49 -0.29
CA THR B 222 -11.33 -35.02 1.06
C THR B 222 -11.13 -33.90 2.07
N ARG B 223 -11.37 -34.23 3.34
CA ARG B 223 -11.34 -33.28 4.44
C ARG B 223 -10.37 -33.77 5.52
N VAL B 224 -9.76 -32.83 6.25
CA VAL B 224 -9.00 -33.09 7.46
C VAL B 224 -9.47 -32.12 8.55
N ASN B 225 -9.65 -32.63 9.78
CA ASN B 225 -10.22 -31.77 10.81
C ASN B 225 -9.12 -30.98 11.53
N VAL B 226 -9.54 -30.16 12.51
CA VAL B 226 -8.67 -29.12 13.06
C VAL B 226 -7.52 -29.72 13.87
N ASP B 227 -7.83 -30.64 14.80
CA ASP B 227 -6.77 -31.26 15.59
C ASP B 227 -5.79 -32.00 14.70
N GLY B 228 -6.28 -32.65 13.65
CA GLY B 228 -5.38 -33.25 12.68
C GLY B 228 -4.51 -32.22 11.98
N PHE B 229 -5.12 -31.16 11.45
CA PHE B 229 -4.34 -30.15 10.75
C PHE B 229 -3.30 -29.52 11.68
N ASN B 230 -3.71 -29.11 12.89
CA ASN B 230 -2.80 -28.41 13.80
C ASN B 230 -1.61 -29.27 14.18
N GLU B 231 -1.84 -30.55 14.48
CA GLU B 231 -0.73 -31.48 14.70
C GLU B 231 0.21 -31.47 13.51
N TRP B 232 -0.34 -31.53 12.30
CA TRP B 232 0.50 -31.46 11.11
C TRP B 232 1.16 -30.08 10.97
N ALA B 233 0.51 -29.03 11.48
CA ALA B 233 1.04 -27.68 11.35
C ALA B 233 2.32 -27.50 12.17
N MET B 234 2.30 -27.98 13.41
CA MET B 234 3.45 -27.92 14.31
C MET B 234 4.69 -28.59 13.72
N ALA B 235 4.53 -29.43 12.71
CA ALA B 235 5.65 -30.12 12.09
C ALA B 235 6.01 -29.59 10.70
N ASN B 236 5.38 -28.50 10.24
CA ASN B 236 5.58 -28.15 8.84
C ASN B 236 5.61 -26.64 8.62
N GLY B 237 6.03 -25.87 9.63
CA GLY B 237 6.18 -24.45 9.46
C GLY B 237 4.87 -23.69 9.32
N TYR B 238 3.82 -24.13 10.02
CA TYR B 238 2.49 -23.53 9.96
C TYR B 238 1.94 -23.37 11.37
N THR B 239 1.11 -22.34 11.56
CA THR B 239 0.45 -22.10 12.82
C THR B 239 -0.81 -22.96 12.93
N SER B 240 -1.33 -23.06 14.15
CA SER B 240 -2.65 -23.65 14.34
C SER B 240 -3.72 -22.78 13.69
N VAL B 241 -4.82 -23.42 13.27
CA VAL B 241 -5.96 -22.69 12.75
C VAL B 241 -6.82 -22.22 13.91
N SER B 242 -7.39 -21.02 13.76
CA SER B 242 -8.06 -20.35 14.86
C SER B 242 -9.36 -21.06 15.23
N SER B 243 -10.37 -20.93 14.39
CA SER B 243 -11.68 -21.51 14.65
C SER B 243 -12.43 -21.59 13.32
N VAL B 244 -13.21 -22.66 13.16
CA VAL B 244 -13.93 -22.80 11.90
C VAL B 244 -15.11 -21.83 11.83
N GLU B 245 -15.75 -21.53 12.98
CA GLU B 245 -16.96 -20.71 12.97
C GLU B 245 -16.66 -19.29 12.48
N CYS B 246 -15.48 -18.76 12.75
CA CYS B 246 -15.21 -17.39 12.31
C CYS B 246 -14.98 -17.29 10.80
N TYR B 247 -14.92 -18.41 10.08
CA TYR B 247 -14.89 -18.39 8.62
C TYR B 247 -16.28 -18.53 8.00
N SER B 248 -17.33 -18.23 8.77
CA SER B 248 -18.70 -18.57 8.37
C SER B 248 -19.09 -17.89 7.06
N ILE B 249 -18.86 -16.57 6.95
CA ILE B 249 -19.37 -15.82 5.81
C ILE B 249 -18.71 -16.28 4.51
N LEU B 250 -17.44 -16.72 4.58
CA LEU B 250 -16.76 -17.19 3.38
C LEU B 250 -17.12 -18.63 3.04
N ALA B 251 -17.43 -19.46 4.04
CA ALA B 251 -17.83 -20.83 3.74
C ALA B 251 -19.29 -20.90 3.29
N ALA B 252 -20.15 -20.02 3.81
CA ALA B 252 -21.53 -19.94 3.31
C ALA B 252 -21.56 -19.60 1.83
N LYS B 253 -20.87 -18.54 1.43
CA LYS B 253 -20.85 -18.07 0.05
C LYS B 253 -20.18 -19.04 -0.92
N THR B 254 -19.43 -20.04 -0.44
CA THR B 254 -18.66 -20.94 -1.28
C THR B 254 -19.14 -22.38 -1.23
N GLY B 255 -19.76 -22.81 -0.12
CA GLY B 255 -20.11 -24.19 0.08
C GLY B 255 -18.96 -25.10 0.46
N VAL B 256 -17.75 -24.55 0.61
CA VAL B 256 -16.55 -25.34 0.88
C VAL B 256 -16.15 -25.09 2.31
N SER B 257 -16.18 -26.14 3.13
CA SER B 257 -15.85 -25.99 4.53
C SER B 257 -14.34 -25.78 4.73
N VAL B 258 -14.00 -25.26 5.92
CA VAL B 258 -12.60 -25.00 6.24
C VAL B 258 -11.79 -26.29 6.18
N GLU B 259 -12.36 -27.40 6.64
CA GLU B 259 -11.62 -28.66 6.71
C GLU B 259 -11.14 -29.09 5.33
N GLN B 260 -11.89 -28.75 4.28
CA GLN B 260 -11.49 -29.06 2.91
C GLN B 260 -10.25 -28.27 2.49
N LEU B 261 -10.15 -27.00 2.90
CA LEU B 261 -8.96 -26.22 2.55
C LEU B 261 -7.74 -26.65 3.38
N LEU B 262 -7.97 -27.03 4.64
CA LEU B 262 -6.88 -27.59 5.45
C LEU B 262 -6.23 -28.79 4.75
N ALA B 263 -7.05 -29.70 4.22
CA ALA B 263 -6.50 -30.80 3.44
C ALA B 263 -5.81 -30.29 2.18
N SER B 264 -6.40 -29.29 1.52
CA SER B 264 -5.78 -28.73 0.33
C SER B 264 -4.42 -28.13 0.65
N ILE B 265 -4.26 -27.57 1.86
CA ILE B 265 -2.96 -27.02 2.29
C ILE B 265 -1.91 -28.12 2.49
N GLN B 266 -2.34 -29.32 2.89
CA GLN B 266 -1.37 -30.42 3.02
C GLN B 266 -0.87 -30.89 1.66
N HIS B 267 -1.77 -31.03 0.68
CA HIS B 267 -1.35 -31.46 -0.65
C HIS B 267 -0.52 -30.37 -1.34
N LEU B 268 -1.03 -29.14 -1.39
CA LEU B 268 -0.35 -28.05 -2.06
C LEU B 268 0.91 -27.59 -1.32
N HIS B 269 1.13 -28.11 -0.12
CA HIS B 269 2.37 -27.86 0.61
C HIS B 269 3.59 -28.33 -0.17
N GLU B 270 3.45 -29.45 -0.90
CA GLU B 270 4.51 -30.01 -1.73
C GLU B 270 4.87 -29.14 -2.92
N GLY B 271 4.17 -28.03 -3.12
CA GLY B 271 4.34 -27.20 -4.29
C GLY B 271 3.18 -27.39 -5.26
N PHE B 272 3.18 -26.53 -6.28
CA PHE B 272 2.08 -26.51 -7.24
C PHE B 272 2.32 -27.41 -8.44
N GLY B 273 3.55 -27.44 -8.95
CA GLY B 273 3.82 -28.19 -10.16
C GLY B 273 3.55 -27.32 -11.37
N GLY B 274 4.22 -26.16 -11.43
CA GLY B 274 4.07 -25.23 -12.52
C GLY B 274 2.77 -24.45 -12.53
N LYS B 275 1.74 -24.93 -11.84
CA LYS B 275 0.45 -24.26 -11.85
C LYS B 275 0.47 -23.02 -10.96
N ASN B 276 -0.52 -22.15 -11.18
CA ASN B 276 -0.73 -20.93 -10.41
C ASN B 276 -1.94 -21.09 -9.48
N ILE B 277 -2.11 -20.12 -8.59
CA ILE B 277 -3.36 -19.94 -7.85
C ILE B 277 -3.51 -18.45 -7.59
N LEU B 278 -4.32 -17.78 -8.42
CA LEU B 278 -4.39 -16.32 -8.42
C LEU B 278 -3.01 -15.71 -8.71
N GLY B 279 -2.32 -16.24 -9.71
CA GLY B 279 -1.03 -15.72 -10.08
C GLY B 279 0.09 -15.96 -9.11
N TYR B 280 -0.13 -16.71 -8.03
CA TYR B 280 0.92 -17.05 -7.08
C TYR B 280 1.41 -18.48 -7.34
N SER B 281 2.69 -18.72 -7.04
CA SER B 281 3.30 -20.04 -7.25
C SER B 281 3.62 -20.74 -5.93
N SER B 282 3.19 -20.17 -4.80
CA SER B 282 3.26 -20.80 -3.49
C SER B 282 2.13 -20.23 -2.65
N LEU B 283 1.88 -20.87 -1.51
CA LEU B 283 0.74 -20.47 -0.69
C LEU B 283 0.92 -19.07 -0.10
N CYS B 284 -0.18 -18.33 -0.04
CA CYS B 284 -0.14 -16.91 0.31
C CYS B 284 -0.49 -16.70 1.78
N ASP B 285 0.49 -16.20 2.52
CA ASP B 285 0.44 -15.83 3.93
C ASP B 285 -0.14 -14.43 4.15
N GLU B 286 -0.39 -13.69 3.07
CA GLU B 286 -0.42 -12.23 3.07
C GLU B 286 -1.75 -11.60 3.52
N PHE B 287 -2.89 -12.23 3.24
CA PHE B 287 -4.18 -11.60 3.43
C PHE B 287 -5.00 -12.31 4.49
N THR B 288 -5.48 -11.56 5.47
CA THR B 288 -6.38 -12.09 6.46
C THR B 288 -7.79 -12.27 5.89
N LEU B 289 -8.64 -12.85 6.73
CA LEU B 289 -10.04 -13.06 6.38
C LEU B 289 -10.80 -11.74 6.28
N ALA B 290 -10.60 -10.85 7.26
CA ALA B 290 -11.23 -9.53 7.20
C ALA B 290 -10.84 -8.79 5.93
N GLU B 291 -9.57 -8.87 5.53
CA GLU B 291 -9.13 -8.25 4.28
C GLU B 291 -9.81 -8.89 3.08
N VAL B 292 -9.84 -10.23 3.02
CA VAL B 292 -10.52 -10.88 1.91
C VAL B 292 -11.98 -10.45 1.86
N VAL B 293 -12.63 -10.34 3.02
CA VAL B 293 -14.06 -10.04 3.08
C VAL B 293 -14.35 -8.59 2.67
N LYS B 294 -13.47 -7.64 3.05
CA LYS B 294 -13.74 -6.25 2.70
C LYS B 294 -13.53 -5.95 1.22
N GLN B 295 -12.70 -6.73 0.54
CA GLN B 295 -12.31 -6.42 -0.82
C GLN B 295 -13.14 -7.15 -1.87
N MET B 296 -13.96 -8.10 -1.43
CA MET B 296 -14.92 -8.70 -2.34
C MET B 296 -16.35 -8.36 -1.96
N TYR B 297 -16.61 -7.90 -0.74
CA TYR B 297 -17.97 -7.63 -0.31
C TYR B 297 -18.19 -6.29 0.38
N GLY B 298 -17.14 -5.53 0.68
CA GLY B 298 -17.32 -4.23 1.32
C GLY B 298 -17.80 -4.28 2.76
N VAL B 299 -17.43 -5.32 3.50
CA VAL B 299 -17.88 -5.47 4.88
C VAL B 299 -16.67 -5.62 5.80
C10 80I C . -19.27 -6.93 -19.59
C13 80I C . -22.04 -5.22 -18.62
C15 80I C . -18.87 0.10 -15.21
C20 80I C . -16.33 -1.83 -11.42
C21 80I C . -15.15 -2.33 -10.85
C24 80I C . -17.53 -2.81 -10.91
C26 80I C . -18.30 1.40 -10.62
C02 80I C . -17.96 -2.06 -16.14
C03 80I C . -18.15 -3.34 -16.97
C05 80I C . -19.27 -3.62 -17.75
C06 80I C . -19.03 -4.88 -18.32
C07 80I C . -17.79 -5.31 -17.87
C08 80I C . -17.29 -6.55 -18.28
C09 80I C . -18.02 -7.36 -19.14
C11 80I C . -19.79 -5.70 -19.17
C16 80I C . -18.87 -0.28 -13.73
C18 80I C . -18.01 0.11 -11.38
C19 80I C . -16.63 -0.40 -10.98
C23 80I C . -16.91 -3.94 -10.48
C27 80I C . -19.60 1.53 -9.88
C35 80I C . -20.04 1.05 -15.46
C36 80I C . -20.04 1.80 -16.79
C37 80I C . -19.01 2.91 -16.86
C38 80I C . -20.05 0.92 -18.04
N04 80I C . -17.30 -4.35 -17.07
N14 80I C . -19.03 -1.10 -16.00
N17 80I C . -18.07 0.45 -12.80
N22 80I C . -15.38 -3.60 -10.27
O01 80I C . -16.94 -1.89 -15.58
O12 80I C . -21.04 -5.26 -19.62
O25 80I C . -14.08 -1.79 -10.86
O28 80I C . -20.59 1.28 -10.83
O30 80I C . -23.01 2.10 -10.76
O31 80I C . -21.94 1.37 -8.66
O32 80I C . -22.50 -0.35 -10.29
O33 80I C . -17.56 2.31 -10.63
O34 80I C . -19.53 -1.19 -13.35
P29 80I C . -22.05 1.08 -10.14
C10 80I D . 23.61 -5.65 14.40
C13 80I D . 25.60 -4.35 15.64
C15 80I D . 18.55 0.83 15.45
C20 80I D . 16.67 1.30 10.78
C21 80I D . 15.86 0.67 9.82
C24 80I D . 17.78 2.08 9.89
C26 80I D . 16.50 4.36 12.94
C02 80I D . 19.28 -1.36 14.49
C03 80I D . 20.31 -2.49 14.42
C05 80I D . 21.61 -2.46 14.91
C06 80I D . 22.15 -3.74 14.61
C07 80I D . 21.15 -4.45 13.98
C08 80I D . 21.37 -5.78 13.56
C09 80I D . 22.61 -6.37 13.77
C11 80I D . 23.40 -4.34 14.83
C16 80I D . 18.34 1.64 14.15
C18 80I D . 16.90 2.92 12.60
C19 80I D . 15.91 2.26 11.67
C23 80I D . 17.96 1.25 8.84
C27 80I D . 17.02 5.05 14.22
C35 80I D . 19.04 1.73 16.59
C36 80I D . 18.65 1.12 17.92
C37 80I D . 17.16 1.29 18.18
C38 80I D . 19.47 1.78 19.02
N04 80I D . 20.08 -3.67 13.89
N14 80I D . 19.51 -0.23 15.33
N17 80I D . 17.02 2.15 13.82
N22 80I D . 16.57 0.57 8.59
O01 80I D . 18.28 -1.44 13.86
O12 80I D . 24.41 -3.62 15.46
O25 80I D . 14.76 0.26 10.02
O28 80I D . 18.40 5.05 14.22
O30 80I D . 19.86 7.10 14.39
O31 80I D . 17.94 7.18 12.85
O32 80I D . 19.87 5.77 12.24
O33 80I D . 15.72 4.94 12.27
O34 80I D . 19.24 1.87 13.39
P29 80I D . 19.05 6.30 13.39
#